data_5POL
#
_entry.id   5POL
#
_cell.length_a   55.519
_cell.length_b   56.321
_cell.length_c   101.443
_cell.angle_alpha   90.000
_cell.angle_beta   90.000
_cell.angle_gamma   90.000
#
_symmetry.space_group_name_H-M   'P 21 21 21'
#
loop_
_entity.id
_entity.type
_entity.pdbx_description
1 polymer 'Bromodomain-containing protein 1'
2 non-polymer 1-(6,7-dimethoxy-3,4-dihydroisoquinolin-2(1H)-yl)ethan-1-one
3 non-polymer 'SODIUM ION'
4 non-polymer 1,2-ETHANEDIOL
5 water water
#
_entity_poly.entity_id   1
_entity_poly.type   'polypeptide(L)'
_entity_poly.pdbx_seq_one_letter_code
;MHHHHHHSSGVDLGTENLYFQSMEQVAMELRLTELTRLLRSVLDQLQDKDPARIFAQPVSLKEVPDYLDHIKHPMDFATM
RKRLEAQGYKNLHEFEEDFDLIIDNCMKYNARDTVFYRAAVRLRDQGGVVLRQARREVDSIGLEEASGMHLPERPA
;
_entity_poly.pdbx_strand_id   A,B
#
loop_
_chem_comp.id
_chem_comp.type
_chem_comp.name
_chem_comp.formula
8RP non-polymer 1-(6,7-dimethoxy-3,4-dihydroisoquinolin-2(1H)-yl)ethan-1-one 'C13 H17 N O3'
EDO non-polymer 1,2-ETHANEDIOL 'C2 H6 O2'
NA non-polymer 'SODIUM ION' 'Na 1'
#
# COMPACT_ATOMS: atom_id res chain seq x y z
N SER A 22 17.70 -6.75 31.94
CA SER A 22 17.01 -7.96 32.39
C SER A 22 17.32 -9.13 31.48
N MET A 23 17.06 -10.34 31.97
CA MET A 23 17.23 -11.53 31.15
CA MET A 23 17.25 -11.53 31.15
C MET A 23 16.20 -11.54 30.03
N GLU A 24 14.99 -11.09 30.33
CA GLU A 24 13.92 -11.07 29.34
C GLU A 24 14.31 -10.20 28.13
N GLN A 25 14.93 -9.06 28.41
CA GLN A 25 15.35 -8.16 27.34
C GLN A 25 16.44 -8.79 26.48
N VAL A 26 17.37 -9.49 27.12
CA VAL A 26 18.38 -10.26 26.39
C VAL A 26 17.76 -11.32 25.48
N ALA A 27 16.83 -12.09 26.03
CA ALA A 27 16.14 -13.14 25.27
C ALA A 27 15.48 -12.53 24.05
N MET A 28 14.79 -11.41 24.25
CA MET A 28 14.14 -10.67 23.17
C MET A 28 15.13 -10.31 22.08
N GLU A 29 16.30 -9.83 22.52
CA GLU A 29 17.33 -9.37 21.61
C GLU A 29 17.94 -10.54 20.85
N LEU A 30 17.99 -11.71 21.48
CA LEU A 30 18.47 -12.91 20.79
C LEU A 30 17.47 -13.29 19.69
N ARG A 31 16.19 -13.19 20.02
CA ARG A 31 15.12 -13.46 19.06
C ARG A 31 15.20 -12.50 17.86
N LEU A 32 15.34 -11.21 18.15
CA LEU A 32 15.51 -10.21 17.09
C LEU A 32 16.74 -10.52 16.24
N THR A 33 17.84 -10.88 16.89
CA THR A 33 19.07 -11.20 16.19
C THR A 33 18.86 -12.41 15.28
N GLU A 34 18.13 -13.40 15.79
CA GLU A 34 17.81 -14.59 15.00
C GLU A 34 16.95 -14.22 13.80
N LEU A 35 15.93 -13.40 14.04
CA LEU A 35 15.06 -12.96 12.95
C LEU A 35 15.90 -12.28 11.88
N THR A 36 16.79 -11.39 12.33
CA THR A 36 17.66 -10.65 11.42
C THR A 36 18.50 -11.59 10.57
N ARG A 37 18.99 -12.66 11.17
CA ARG A 37 19.75 -13.67 10.44
C ARG A 37 18.91 -14.31 9.34
N LEU A 38 17.68 -14.69 9.68
CA LEU A 38 16.78 -15.31 8.71
C LEU A 38 16.44 -14.33 7.59
N LEU A 39 16.16 -13.08 7.95
CA LEU A 39 15.80 -12.06 6.97
C LEU A 39 16.98 -11.71 6.06
N ARG A 40 18.19 -11.76 6.59
CA ARG A 40 19.37 -11.55 5.75
C ARG A 40 19.42 -12.61 4.65
N SER A 41 19.14 -13.86 5.01
CA SER A 41 19.09 -14.95 4.04
C SER A 41 17.97 -14.72 3.01
N VAL A 42 16.78 -14.36 3.50
CA VAL A 42 15.66 -14.02 2.62
C VAL A 42 16.04 -12.89 1.65
N LEU A 43 16.65 -11.83 2.17
CA LEU A 43 16.99 -10.68 1.35
C LEU A 43 17.98 -11.08 0.25
N ASP A 44 18.96 -11.90 0.60
CA ASP A 44 19.90 -12.37 -0.40
C ASP A 44 19.21 -13.18 -1.49
N GLN A 45 18.30 -14.05 -1.08
CA GLN A 45 17.56 -14.85 -2.04
C GLN A 45 16.70 -14.01 -2.96
N LEU A 46 16.07 -12.98 -2.40
CA LEU A 46 15.24 -12.08 -3.20
C LEU A 46 16.07 -11.28 -4.18
N GLN A 47 17.22 -10.81 -3.74
CA GLN A 47 18.06 -9.98 -4.60
C GLN A 47 18.71 -10.81 -5.72
N ASP A 48 18.86 -12.12 -5.51
CA ASP A 48 19.34 -12.99 -6.57
C ASP A 48 18.35 -13.04 -7.73
N LYS A 49 17.09 -12.78 -7.42
CA LYS A 49 16.04 -12.79 -8.44
C LYS A 49 16.02 -11.48 -9.23
N ASP A 50 17.00 -10.62 -8.96
CA ASP A 50 17.19 -9.34 -9.66
C ASP A 50 18.60 -9.27 -10.25
N PRO A 51 18.91 -10.16 -11.21
CA PRO A 51 20.28 -10.18 -11.69
C PRO A 51 20.67 -8.92 -12.47
N ALA A 52 19.68 -8.21 -12.99
CA ALA A 52 19.91 -6.94 -13.69
C ALA A 52 20.30 -5.81 -12.73
N ARG A 53 20.08 -6.03 -11.44
CA ARG A 53 20.31 -5.03 -10.39
C ARG A 53 19.50 -3.75 -10.61
N ILE A 54 18.30 -3.93 -11.15
CA ILE A 54 17.39 -2.81 -11.34
C ILE A 54 16.94 -2.23 -9.99
N PHE A 55 16.87 -3.10 -8.98
CA PHE A 55 16.36 -2.70 -7.67
C PHE A 55 17.42 -2.59 -6.57
N ALA A 56 18.69 -2.63 -6.96
CA ALA A 56 19.80 -2.66 -6.02
C ALA A 56 19.98 -1.36 -5.24
N GLN A 57 19.67 -0.23 -5.88
CA GLN A 57 19.94 1.09 -5.30
C GLN A 57 18.72 2.01 -5.42
N PRO A 58 18.66 3.06 -4.59
CA PRO A 58 17.58 4.04 -4.74
C PRO A 58 17.56 4.57 -6.16
N VAL A 59 16.37 4.82 -6.68
CA VAL A 59 16.25 5.56 -7.93
C VAL A 59 16.90 6.92 -7.73
N SER A 60 17.87 7.23 -8.58
CA SER A 60 18.62 8.49 -8.48
C SER A 60 17.79 9.74 -8.77
N LEU A 61 17.74 10.66 -7.82
CA LEU A 61 16.95 11.87 -8.00
C LEU A 61 17.69 12.86 -8.90
N LYS A 62 18.93 12.55 -9.25
CA LYS A 62 19.65 13.34 -10.24
C LYS A 62 19.26 12.92 -11.65
N GLU A 63 19.11 11.61 -11.82
N GLU A 63 19.08 11.63 -11.85
CA GLU A 63 18.75 11.04 -13.12
CA GLU A 63 18.75 11.13 -13.17
C GLU A 63 17.25 11.12 -13.35
C GLU A 63 17.23 11.04 -13.38
N VAL A 64 16.49 11.00 -12.26
CA VAL A 64 15.03 11.07 -12.33
C VAL A 64 14.55 12.14 -11.34
N PRO A 65 14.68 13.43 -11.74
CA PRO A 65 14.44 14.55 -10.81
C PRO A 65 13.00 14.68 -10.31
N ASP A 66 12.02 14.18 -11.07
CA ASP A 66 10.63 14.31 -10.68
C ASP A 66 10.10 13.08 -9.93
N TYR A 67 10.99 12.16 -9.58
CA TYR A 67 10.56 10.85 -9.08
C TYR A 67 9.68 10.97 -7.83
N LEU A 68 10.04 11.89 -6.95
CA LEU A 68 9.31 12.03 -5.70
C LEU A 68 7.94 12.68 -5.88
N ASP A 69 7.69 13.27 -7.06
CA ASP A 69 6.35 13.73 -7.39
C ASP A 69 5.44 12.54 -7.64
N HIS A 70 6.04 11.41 -8.01
CA HIS A 70 5.27 10.21 -8.37
C HIS A 70 5.19 9.21 -7.26
N ILE A 71 6.32 8.99 -6.61
CA ILE A 71 6.47 7.95 -5.60
C ILE A 71 6.74 8.60 -4.24
N LYS A 72 5.84 8.36 -3.29
CA LYS A 72 5.97 9.01 -1.99
C LYS A 72 6.85 8.26 -1.00
N HIS A 73 7.00 6.95 -1.19
CA HIS A 73 7.86 6.16 -0.33
C HIS A 73 8.78 5.24 -1.12
N PRO A 74 9.89 5.80 -1.62
CA PRO A 74 10.87 5.01 -2.37
C PRO A 74 11.48 3.89 -1.54
N MET A 75 11.85 2.79 -2.18
CA MET A 75 12.52 1.69 -1.51
C MET A 75 13.40 0.96 -2.52
N ASP A 76 14.42 0.28 -2.00
CA ASP A 76 15.36 -0.45 -2.83
C ASP A 76 16.10 -1.43 -1.93
N PHE A 77 16.85 -2.36 -2.52
CA PHE A 77 17.50 -3.41 -1.74
C PHE A 77 18.59 -2.86 -0.80
N ALA A 78 19.35 -1.86 -1.24
CA ALA A 78 20.39 -1.28 -0.40
C ALA A 78 19.81 -0.63 0.85
N THR A 79 18.71 0.08 0.68
CA THR A 79 18.05 0.72 1.81
C THR A 79 17.48 -0.33 2.77
N MET A 80 16.91 -1.40 2.23
CA MET A 80 16.42 -2.50 3.07
C MET A 80 17.56 -3.10 3.89
N ARG A 81 18.69 -3.30 3.23
CA ARG A 81 19.83 -3.94 3.87
C ARG A 81 20.37 -3.08 5.00
N LYS A 82 20.37 -1.76 4.81
CA LYS A 82 20.80 -0.84 5.86
C LYS A 82 19.90 -0.97 7.08
N ARG A 83 18.59 -0.97 6.86
CA ARG A 83 17.65 -1.13 7.97
C ARG A 83 17.84 -2.51 8.62
N LEU A 84 18.07 -3.52 7.78
CA LEU A 84 18.21 -4.89 8.26
C LEU A 84 19.35 -5.01 9.26
N GLU A 85 20.53 -4.51 8.90
CA GLU A 85 21.72 -4.69 9.71
C GLU A 85 21.70 -3.83 10.97
N ALA A 86 20.80 -2.85 11.00
CA ALA A 86 20.56 -2.09 12.22
C ALA A 86 19.43 -2.73 13.03
N GLN A 87 19.13 -3.99 12.69
CA GLN A 87 18.03 -4.76 13.32
C GLN A 87 16.73 -3.97 13.37
N GLY A 88 16.40 -3.33 12.24
CA GLY A 88 15.26 -2.43 12.17
C GLY A 88 13.96 -3.07 11.70
N TYR A 89 14.00 -4.37 11.42
CA TYR A 89 12.78 -5.11 11.13
C TYR A 89 12.36 -5.95 12.34
N LYS A 90 11.25 -5.57 12.97
CA LYS A 90 10.79 -6.25 14.20
C LYS A 90 10.09 -7.58 13.91
N ASN A 91 9.59 -7.72 12.70
CA ASN A 91 8.86 -8.93 12.29
C ASN A 91 8.91 -9.07 10.77
N LEU A 92 8.46 -10.20 10.24
CA LEU A 92 8.52 -10.44 8.80
C LEU A 92 7.60 -9.48 8.05
N HIS A 93 6.48 -9.12 8.66
CA HIS A 93 5.54 -8.24 7.98
C HIS A 93 6.18 -6.91 7.59
N GLU A 94 6.97 -6.33 8.49
CA GLU A 94 7.63 -5.05 8.19
C GLU A 94 8.61 -5.18 7.03
N PHE A 95 9.31 -6.31 6.98
CA PHE A 95 10.24 -6.61 5.89
C PHE A 95 9.48 -6.76 4.58
N GLU A 96 8.40 -7.53 4.62
CA GLU A 96 7.57 -7.70 3.43
C GLU A 96 6.96 -6.39 2.91
N GLU A 97 6.57 -5.51 3.82
N GLU A 97 6.61 -5.49 3.81
CA GLU A 97 6.08 -4.19 3.43
CA GLU A 97 6.05 -4.20 3.38
C GLU A 97 7.08 -3.47 2.55
C GLU A 97 7.06 -3.33 2.63
N ASP A 98 8.34 -3.48 2.95
CA ASP A 98 9.39 -2.78 2.21
C ASP A 98 9.64 -3.46 0.86
N PHE A 99 9.62 -4.79 0.83
CA PHE A 99 9.80 -5.51 -0.44
C PHE A 99 8.69 -5.17 -1.40
N ASP A 100 7.46 -5.16 -0.89
CA ASP A 100 6.30 -4.81 -1.71
C ASP A 100 6.40 -3.38 -2.24
N LEU A 101 7.00 -2.48 -1.47
CA LEU A 101 7.20 -1.10 -1.93
C LEU A 101 8.10 -1.06 -3.16
N ILE A 102 9.16 -1.88 -3.14
CA ILE A 102 10.06 -1.90 -4.28
C ILE A 102 9.29 -2.26 -5.55
N ILE A 103 8.51 -3.32 -5.45
CA ILE A 103 7.72 -3.84 -6.57
CA ILE A 103 7.75 -3.83 -6.59
C ILE A 103 6.65 -2.86 -7.01
N ASP A 104 5.84 -2.44 -6.04
CA ASP A 104 4.68 -1.61 -6.34
C ASP A 104 5.04 -0.21 -6.88
N ASN A 105 6.08 0.40 -6.32
CA ASN A 105 6.56 1.68 -6.82
C ASN A 105 6.94 1.55 -8.30
N CYS A 106 7.62 0.47 -8.61
CA CYS A 106 8.12 0.28 -9.97
C CYS A 106 6.99 0.07 -10.97
N MET A 107 5.96 -0.65 -10.54
CA MET A 107 4.87 -0.96 -11.45
C MET A 107 3.95 0.24 -11.64
N LYS A 108 4.07 1.26 -10.79
CA LYS A 108 3.31 2.48 -11.02
CA LYS A 108 3.34 2.52 -10.97
C LYS A 108 4.12 3.47 -11.86
N TYR A 109 5.39 3.65 -11.51
CA TYR A 109 6.21 4.64 -12.18
C TYR A 109 6.47 4.26 -13.62
N ASN A 110 6.70 2.98 -13.89
CA ASN A 110 7.04 2.55 -15.23
C ASN A 110 5.87 1.88 -15.95
N ALA A 111 5.78 2.09 -17.26
CA ALA A 111 4.71 1.47 -18.05
C ALA A 111 4.94 -0.02 -18.26
N ARG A 112 3.87 -0.73 -18.60
CA ARG A 112 3.90 -2.18 -18.76
C ARG A 112 4.90 -2.70 -19.78
N ASP A 113 5.20 -1.90 -20.80
CA ASP A 113 6.04 -2.36 -21.87
C ASP A 113 7.52 -2.05 -21.63
N THR A 114 7.89 -1.82 -20.38
CA THR A 114 9.26 -1.44 -20.07
C THR A 114 10.01 -2.55 -19.38
N VAL A 115 11.33 -2.56 -19.52
CA VAL A 115 12.14 -3.57 -18.85
C VAL A 115 12.01 -3.44 -17.33
N PHE A 116 11.75 -2.23 -16.85
CA PHE A 116 11.57 -2.00 -15.42
C PHE A 116 10.32 -2.66 -14.88
N TYR A 117 9.19 -2.43 -15.53
CA TYR A 117 7.95 -3.00 -15.05
C TYR A 117 8.03 -4.52 -15.08
N ARG A 118 8.58 -5.05 -16.18
CA ARG A 118 8.64 -6.51 -16.35
C ARG A 118 9.56 -7.14 -15.33
N ALA A 119 10.61 -6.42 -14.95
CA ALA A 119 11.53 -6.93 -13.94
C ALA A 119 10.84 -7.00 -12.58
N ALA A 120 9.98 -6.02 -12.29
CA ALA A 120 9.23 -6.02 -11.05
C ALA A 120 8.24 -7.20 -11.01
N VAL A 121 7.57 -7.50 -12.13
CA VAL A 121 6.65 -8.63 -12.16
C VAL A 121 7.39 -9.94 -11.87
N ARG A 122 8.54 -10.12 -12.52
CA ARG A 122 9.32 -11.35 -12.32
C ARG A 122 9.83 -11.46 -10.89
N LEU A 123 10.27 -10.35 -10.32
CA LEU A 123 10.73 -10.33 -8.93
C LEU A 123 9.59 -10.70 -7.97
N ARG A 124 8.41 -10.16 -8.23
CA ARG A 124 7.25 -10.44 -7.39
CA ARG A 124 7.27 -10.45 -7.36
C ARG A 124 6.89 -11.93 -7.43
N ASP A 125 6.85 -12.47 -8.64
CA ASP A 125 6.44 -13.85 -8.83
C ASP A 125 7.44 -14.80 -8.20
N GLN A 126 8.72 -14.58 -8.47
CA GLN A 126 9.78 -15.45 -7.95
C GLN A 126 9.99 -15.29 -6.45
N GLY A 127 9.77 -14.08 -5.95
CA GLY A 127 9.98 -13.79 -4.54
C GLY A 127 8.91 -14.38 -3.65
N GLY A 128 7.71 -14.53 -4.18
CA GLY A 128 6.60 -15.07 -3.42
C GLY A 128 6.89 -16.46 -2.90
N VAL A 129 7.58 -17.25 -3.71
CA VAL A 129 7.99 -18.59 -3.33
C VAL A 129 8.84 -18.55 -2.07
N VAL A 130 9.83 -17.65 -2.08
CA VAL A 130 10.77 -17.47 -0.98
C VAL A 130 10.05 -17.00 0.27
N LEU A 131 9.20 -16.00 0.10
CA LEU A 131 8.47 -15.41 1.21
C LEU A 131 7.45 -16.35 1.81
N ARG A 132 6.93 -17.25 0.98
CA ARG A 132 5.96 -18.23 1.45
C ARG A 132 6.62 -19.13 2.49
N GLN A 133 7.83 -19.58 2.19
CA GLN A 133 8.54 -20.48 3.11
C GLN A 133 9.11 -19.70 4.31
N ALA A 134 9.50 -18.46 4.08
CA ALA A 134 10.01 -17.62 5.16
C ALA A 134 8.96 -17.43 6.25
N ARG A 135 7.72 -17.22 5.84
CA ARG A 135 6.62 -17.07 6.80
C ARG A 135 6.45 -18.34 7.63
N ARG A 136 6.52 -19.50 6.98
CA ARG A 136 6.43 -20.76 7.71
C ARG A 136 7.57 -20.89 8.71
N GLU A 137 8.78 -20.49 8.32
CA GLU A 137 9.96 -20.61 9.19
C GLU A 137 9.91 -19.68 10.39
N VAL A 138 9.47 -18.45 10.16
CA VAL A 138 9.35 -17.48 11.23
C VAL A 138 8.33 -17.98 12.26
N ASP A 139 7.17 -18.41 11.76
CA ASP A 139 6.15 -19.01 12.60
C ASP A 139 6.65 -20.26 13.34
N SER A 140 7.27 -21.16 12.61
CA SER A 140 7.71 -22.45 13.16
C SER A 140 8.75 -22.26 14.25
N ILE A 141 9.84 -21.57 13.93
CA ILE A 141 10.91 -21.34 14.90
C ILE A 141 10.46 -20.37 15.98
N GLY A 142 9.37 -19.66 15.71
CA GLY A 142 8.81 -18.72 16.67
C GLY A 142 9.71 -17.52 16.87
N LEU A 143 10.05 -16.86 15.77
CA LEU A 143 10.96 -15.71 15.83
C LEU A 143 10.20 -14.40 16.04
N GLU A 144 8.89 -14.52 16.31
CA GLU A 144 8.06 -13.34 16.59
C GLU A 144 7.33 -13.51 17.91
N SER B 22 -27.14 -1.38 28.10
CA SER B 22 -26.00 -0.99 28.93
C SER B 22 -25.32 0.24 28.34
N MET B 23 -24.59 0.97 29.16
N MET B 23 -24.61 0.99 29.17
CA MET B 23 -23.92 2.18 28.71
CA MET B 23 -23.92 2.19 28.68
C MET B 23 -22.74 1.85 27.80
C MET B 23 -22.77 1.83 27.74
N GLU B 24 -22.28 0.60 27.87
CA GLU B 24 -21.22 0.12 26.99
C GLU B 24 -21.78 -0.05 25.57
N GLN B 25 -23.00 -0.56 25.46
CA GLN B 25 -23.69 -0.68 24.17
C GLN B 25 -24.01 0.70 23.57
N VAL B 26 -24.50 1.59 24.41
CA VAL B 26 -24.78 2.94 23.98
C VAL B 26 -23.54 3.61 23.40
N ALA B 27 -22.41 3.53 24.10
CA ALA B 27 -21.20 4.16 23.59
C ALA B 27 -20.69 3.51 22.30
N MET B 28 -20.84 2.19 22.18
CA MET B 28 -20.39 1.53 20.96
C MET B 28 -21.22 1.94 19.75
N GLU B 29 -22.55 2.01 19.93
CA GLU B 29 -23.42 2.41 18.83
C GLU B 29 -23.15 3.88 18.46
N LEU B 30 -22.87 4.71 19.45
CA LEU B 30 -22.54 6.10 19.15
C LEU B 30 -21.23 6.20 18.35
N ARG B 31 -20.23 5.41 18.72
CA ARG B 31 -18.97 5.44 17.98
C ARG B 31 -19.18 4.94 16.55
N LEU B 32 -20.02 3.92 16.38
CA LEU B 32 -20.39 3.40 15.06
C LEU B 32 -21.05 4.48 14.22
N THR B 33 -22.03 5.17 14.79
CA THR B 33 -22.79 6.11 13.98
C THR B 33 -21.96 7.35 13.63
N GLU B 34 -21.12 7.78 14.56
CA GLU B 34 -20.26 8.93 14.34
C GLU B 34 -19.15 8.62 13.34
N LEU B 35 -18.60 7.41 13.40
CA LEU B 35 -17.63 6.98 12.39
C LEU B 35 -18.30 7.00 11.01
N THR B 36 -19.52 6.49 10.94
CA THR B 36 -20.19 6.43 9.64
C THR B 36 -20.45 7.84 9.10
N ARG B 37 -20.89 8.74 9.96
CA ARG B 37 -21.07 10.15 9.59
CA ARG B 37 -21.09 10.13 9.55
C ARG B 37 -19.81 10.74 8.98
N LEU B 38 -18.69 10.50 9.66
CA LEU B 38 -17.41 11.02 9.21
C LEU B 38 -17.00 10.43 7.85
N LEU B 39 -17.11 9.12 7.71
CA LEU B 39 -16.70 8.48 6.46
C LEU B 39 -17.60 8.92 5.31
N ARG B 40 -18.88 9.11 5.58
CA ARG B 40 -19.80 9.55 4.54
C ARG B 40 -19.38 10.94 4.03
N SER B 41 -18.99 11.81 4.95
CA SER B 41 -18.54 13.15 4.56
C SER B 41 -17.22 13.09 3.80
N VAL B 42 -16.31 12.23 4.26
CA VAL B 42 -15.05 12.04 3.54
C VAL B 42 -15.28 11.54 2.11
N LEU B 43 -16.10 10.49 1.98
CA LEU B 43 -16.39 9.96 0.66
C LEU B 43 -17.02 11.01 -0.26
N ASP B 44 -17.95 11.80 0.27
N ASP B 44 -17.95 11.79 0.30
CA ASP B 44 -18.58 12.82 -0.56
CA ASP B 44 -18.61 12.86 -0.43
C ASP B 44 -17.55 13.87 -0.99
C ASP B 44 -17.60 13.89 -0.95
N GLN B 45 -16.64 14.23 -0.09
CA GLN B 45 -15.59 15.19 -0.43
C GLN B 45 -14.65 14.65 -1.51
N LEU B 46 -14.35 13.36 -1.43
CA LEU B 46 -13.48 12.75 -2.42
C LEU B 46 -14.18 12.70 -3.78
N GLN B 47 -15.42 12.22 -3.81
CA GLN B 47 -16.13 12.15 -5.09
C GLN B 47 -16.33 13.51 -5.73
N ASP B 48 -16.61 14.53 -4.93
CA ASP B 48 -16.83 15.87 -5.46
CA ASP B 48 -16.83 15.87 -5.46
C ASP B 48 -15.62 16.36 -6.25
N LYS B 49 -14.46 15.80 -5.96
CA LYS B 49 -13.22 16.16 -6.65
C LYS B 49 -13.03 15.39 -7.96
N ASP B 50 -13.98 14.53 -8.29
CA ASP B 50 -13.93 13.73 -9.53
C ASP B 50 -15.16 13.97 -10.43
N PRO B 51 -15.34 15.22 -10.90
CA PRO B 51 -16.49 15.53 -11.75
C PRO B 51 -16.51 14.76 -13.07
N ALA B 52 -15.35 14.30 -13.52
CA ALA B 52 -15.29 13.52 -14.75
C ALA B 52 -15.74 12.08 -14.53
N ARG B 53 -16.00 11.73 -13.27
CA ARG B 53 -16.48 10.40 -12.91
CA ARG B 53 -16.48 10.38 -12.91
C ARG B 53 -15.52 9.29 -13.35
N ILE B 54 -14.22 9.60 -13.32
CA ILE B 54 -13.20 8.61 -13.68
C ILE B 54 -13.16 7.43 -12.69
N PHE B 55 -13.40 7.71 -11.41
CA PHE B 55 -13.31 6.72 -10.35
C PHE B 55 -14.68 6.38 -9.76
N ALA B 56 -15.74 6.82 -10.42
CA ALA B 56 -17.08 6.69 -9.83
C ALA B 56 -17.63 5.26 -9.82
N GLN B 57 -17.25 4.46 -10.82
CA GLN B 57 -17.83 3.13 -11.04
C GLN B 57 -16.73 2.14 -11.38
N PRO B 58 -17.00 0.83 -11.20
CA PRO B 58 -15.98 -0.15 -11.58
C PRO B 58 -15.58 0.00 -13.03
N VAL B 59 -14.30 -0.20 -13.32
CA VAL B 59 -13.82 -0.19 -14.69
C VAL B 59 -14.58 -1.25 -15.48
N SER B 60 -15.05 -0.88 -16.66
CA SER B 60 -15.79 -1.79 -17.52
C SER B 60 -14.90 -2.76 -18.27
N LEU B 61 -15.11 -4.05 -18.05
CA LEU B 61 -14.35 -5.08 -18.75
C LEU B 61 -14.75 -5.13 -20.23
N LYS B 62 -15.93 -4.62 -20.55
CA LYS B 62 -16.31 -4.47 -21.95
C LYS B 62 -15.43 -3.42 -22.61
N GLU B 63 -15.28 -2.28 -21.95
CA GLU B 63 -14.47 -1.17 -22.45
CA GLU B 63 -14.47 -1.20 -22.51
C GLU B 63 -12.98 -1.45 -22.32
N VAL B 64 -12.60 -2.18 -21.27
CA VAL B 64 -11.19 -2.46 -21.00
C VAL B 64 -10.94 -3.95 -20.76
N PRO B 65 -10.91 -4.75 -21.84
CA PRO B 65 -10.88 -6.21 -21.71
C PRO B 65 -9.68 -6.78 -20.93
N ASP B 66 -8.54 -6.08 -20.91
CA ASP B 66 -7.36 -6.64 -20.26
C ASP B 66 -7.18 -6.14 -18.83
N TYR B 67 -8.17 -5.43 -18.30
CA TYR B 67 -7.99 -4.77 -16.99
C TYR B 67 -7.61 -5.75 -15.89
N LEU B 68 -8.29 -6.89 -15.86
CA LEU B 68 -8.05 -7.86 -14.79
C LEU B 68 -6.81 -8.73 -15.02
N ASP B 69 -6.19 -8.62 -16.20
CA ASP B 69 -4.89 -9.25 -16.40
C ASP B 69 -3.88 -8.61 -15.45
N HIS B 70 -4.11 -7.35 -15.13
CA HIS B 70 -3.12 -6.55 -14.43
C HIS B 70 -3.54 -6.12 -13.05
N ILE B 71 -4.83 -5.87 -12.86
CA ILE B 71 -5.30 -5.37 -11.59
C ILE B 71 -6.01 -6.48 -10.81
N LYS B 72 -5.46 -6.85 -9.66
CA LYS B 72 -5.96 -8.00 -8.89
C LYS B 72 -7.17 -7.66 -8.04
N HIS B 73 -7.24 -6.43 -7.55
CA HIS B 73 -8.34 -6.00 -6.69
C HIS B 73 -8.91 -4.64 -7.10
N PRO B 74 -9.85 -4.65 -8.05
CA PRO B 74 -10.50 -3.42 -8.53
C PRO B 74 -11.21 -2.68 -7.40
N MET B 75 -11.25 -1.35 -7.48
CA MET B 75 -12.01 -0.57 -6.51
C MET B 75 -12.45 0.72 -7.17
N ASP B 76 -13.52 1.32 -6.63
CA ASP B 76 -14.14 2.52 -7.17
C ASP B 76 -15.01 3.12 -6.08
N PHE B 77 -15.52 4.33 -6.31
CA PHE B 77 -16.24 5.06 -5.25
C PHE B 77 -17.61 4.44 -4.97
N ALA B 78 -18.27 3.89 -5.99
CA ALA B 78 -19.59 3.30 -5.77
C ALA B 78 -19.47 2.05 -4.91
N THR B 79 -18.43 1.27 -5.18
CA THR B 79 -18.19 0.08 -4.38
C THR B 79 -17.83 0.48 -2.94
N MET B 80 -17.10 1.59 -2.77
CA MET B 80 -16.81 2.05 -1.40
C MET B 80 -18.11 2.51 -0.70
N ARG B 81 -18.97 3.21 -1.42
CA ARG B 81 -20.22 3.68 -0.83
C ARG B 81 -21.10 2.52 -0.38
N LYS B 82 -21.14 1.48 -1.20
CA LYS B 82 -21.85 0.25 -0.86
C LYS B 82 -21.34 -0.36 0.44
N ARG B 83 -20.01 -0.47 0.56
CA ARG B 83 -19.40 -1.03 1.77
C ARG B 83 -19.70 -0.14 2.98
N LEU B 84 -19.55 1.17 2.80
CA LEU B 84 -19.82 2.12 3.88
C LEU B 84 -21.24 2.01 4.43
N GLU B 85 -22.22 2.06 3.54
CA GLU B 85 -23.62 2.11 3.97
C GLU B 85 -24.09 0.77 4.52
N ALA B 86 -23.36 -0.29 4.18
CA ALA B 86 -23.67 -1.63 4.67
C ALA B 86 -22.94 -1.93 5.97
N GLN B 87 -22.31 -0.90 6.55
CA GLN B 87 -21.58 -1.01 7.81
C GLN B 87 -20.32 -1.88 7.68
N GLY B 88 -19.70 -1.85 6.51
CA GLY B 88 -18.52 -2.68 6.24
C GLY B 88 -17.16 -2.10 6.58
N TYR B 89 -17.10 -0.84 6.97
CA TYR B 89 -15.84 -0.24 7.44
C TYR B 89 -15.84 -0.18 8.96
N LYS B 90 -14.92 -0.91 9.58
CA LYS B 90 -14.81 -0.96 11.04
C LYS B 90 -14.06 0.25 11.60
N ASN B 91 -13.21 0.85 10.76
CA ASN B 91 -12.39 1.98 11.17
C ASN B 91 -11.91 2.78 9.97
N LEU B 92 -11.28 3.93 10.20
CA LEU B 92 -10.82 4.80 9.12
C LEU B 92 -9.76 4.12 8.26
N HIS B 93 -8.89 3.34 8.87
CA HIS B 93 -7.84 2.68 8.11
C HIS B 93 -8.41 1.78 6.99
N GLU B 94 -9.45 1.01 7.29
CA GLU B 94 -10.08 0.16 6.28
C GLU B 94 -10.59 0.98 5.09
N PHE B 95 -11.18 2.13 5.37
CA PHE B 95 -11.63 3.09 4.35
C PHE B 95 -10.43 3.60 3.52
N GLU B 96 -9.39 4.04 4.23
CA GLU B 96 -8.15 4.51 3.60
CA GLU B 96 -8.15 4.51 3.60
C GLU B 96 -7.55 3.47 2.68
N GLU B 97 -7.56 2.20 3.10
CA GLU B 97 -7.02 1.14 2.23
C GLU B 97 -7.78 1.01 0.91
N ASP B 98 -9.10 1.13 0.94
CA ASP B 98 -9.86 1.06 -0.32
C ASP B 98 -9.56 2.29 -1.19
N PHE B 99 -9.44 3.48 -0.57
CA PHE B 99 -9.11 4.67 -1.36
C PHE B 99 -7.74 4.48 -2.03
N ASP B 100 -6.78 3.98 -1.27
CA ASP B 100 -5.45 3.72 -1.85
C ASP B 100 -5.52 2.72 -3.01
N LEU B 101 -6.41 1.73 -2.94
CA LEU B 101 -6.62 0.81 -4.07
C LEU B 101 -7.03 1.56 -5.33
N ILE B 102 -8.00 2.48 -5.19
CA ILE B 102 -8.44 3.24 -6.35
C ILE B 102 -7.26 3.95 -7.02
N ILE B 103 -6.49 4.66 -6.20
CA ILE B 103 -5.35 5.42 -6.69
C ILE B 103 -4.26 4.50 -7.26
N ASP B 104 -3.88 3.49 -6.48
CA ASP B 104 -2.78 2.60 -6.88
C ASP B 104 -3.11 1.79 -8.13
N ASN B 105 -4.35 1.33 -8.25
CA ASN B 105 -4.76 0.58 -9.44
C ASN B 105 -4.64 1.44 -10.69
N CYS B 106 -5.03 2.70 -10.55
CA CYS B 106 -5.00 3.63 -11.68
C CYS B 106 -3.57 3.96 -12.07
N MET B 107 -2.70 4.18 -11.08
CA MET B 107 -1.31 4.50 -11.39
C MET B 107 -0.57 3.28 -11.94
N LYS B 108 -1.01 2.09 -11.55
CA LYS B 108 -0.41 0.86 -12.06
CA LYS B 108 -0.42 0.86 -12.06
C LYS B 108 -0.85 0.55 -13.50
N TYR B 109 -2.13 0.73 -13.77
CA TYR B 109 -2.65 0.38 -15.09
C TYR B 109 -2.28 1.38 -16.19
N ASN B 110 -2.23 2.66 -15.83
CA ASN B 110 -2.00 3.72 -16.81
C ASN B 110 -0.56 4.22 -16.80
N ALA B 111 -0.03 4.57 -17.98
CA ALA B 111 1.30 5.17 -18.05
C ALA B 111 1.30 6.57 -17.45
N ARG B 112 2.48 7.01 -16.97
CA ARG B 112 2.61 8.31 -16.29
C ARG B 112 2.05 9.46 -17.13
N ASP B 113 2.44 9.48 -18.39
CA ASP B 113 2.09 10.60 -19.25
C ASP B 113 0.71 10.39 -19.87
N THR B 114 -0.31 10.25 -19.02
CA THR B 114 -1.70 10.06 -19.45
C THR B 114 -2.63 10.89 -18.58
N VAL B 115 -3.82 11.19 -19.08
CA VAL B 115 -4.77 12.00 -18.34
C VAL B 115 -5.27 11.24 -17.09
N PHE B 116 -5.52 9.93 -17.24
CA PHE B 116 -6.03 9.17 -16.10
C PHE B 116 -4.99 9.01 -14.99
N TYR B 117 -3.72 8.81 -15.35
CA TYR B 117 -2.68 8.71 -14.32
C TYR B 117 -2.56 10.03 -13.58
N ARG B 118 -2.57 11.14 -14.32
CA ARG B 118 -2.45 12.43 -13.68
C ARG B 118 -3.66 12.71 -12.80
N ALA B 119 -4.84 12.23 -13.20
CA ALA B 119 -6.03 12.37 -12.36
C ALA B 119 -5.84 11.62 -11.03
N ALA B 120 -5.26 10.42 -11.08
CA ALA B 120 -5.00 9.67 -9.83
C ALA B 120 -4.02 10.40 -8.91
N VAL B 121 -2.96 10.95 -9.49
CA VAL B 121 -1.99 11.72 -8.70
C VAL B 121 -2.67 12.95 -8.07
N ARG B 122 -3.52 13.62 -8.84
CA ARG B 122 -4.26 14.76 -8.33
C ARG B 122 -5.16 14.36 -7.16
N LEU B 123 -5.98 13.32 -7.35
CA LEU B 123 -6.87 12.84 -6.30
C LEU B 123 -6.10 12.28 -5.10
N ARG B 124 -4.95 11.66 -5.36
CA ARG B 124 -4.13 11.19 -4.24
C ARG B 124 -3.69 12.34 -3.32
N ASP B 125 -3.22 13.43 -3.92
N ASP B 125 -3.28 13.44 -3.90
CA ASP B 125 -2.81 14.63 -3.16
CA ASP B 125 -2.76 14.54 -3.09
C ASP B 125 -3.96 15.19 -2.37
C ASP B 125 -3.89 15.36 -2.44
N GLN B 126 -5.05 15.46 -3.08
CA GLN B 126 -6.21 16.09 -2.47
C GLN B 126 -6.77 15.17 -1.39
N GLY B 127 -6.85 13.88 -1.73
CA GLY B 127 -7.37 12.88 -0.81
C GLY B 127 -6.52 12.72 0.43
N GLY B 128 -5.22 12.78 0.27
CA GLY B 128 -4.30 12.71 1.39
C GLY B 128 -4.64 13.75 2.46
N VAL B 129 -4.93 14.95 2.00
CA VAL B 129 -5.21 16.05 2.93
C VAL B 129 -6.53 15.80 3.64
N VAL B 130 -7.55 15.42 2.89
CA VAL B 130 -8.86 15.09 3.46
C VAL B 130 -8.75 13.98 4.50
N LEU B 131 -7.97 12.95 4.18
CA LEU B 131 -7.85 11.78 5.05
C LEU B 131 -7.03 12.10 6.30
N ARG B 132 -5.99 12.94 6.17
CA ARG B 132 -5.25 13.34 7.36
C ARG B 132 -6.14 14.17 8.31
N GLN B 133 -7.02 14.98 7.74
CA GLN B 133 -7.97 15.76 8.52
C GLN B 133 -9.00 14.83 9.18
N ALA B 134 -9.39 13.79 8.44
CA ALA B 134 -10.29 12.80 9.01
C ALA B 134 -9.63 12.07 10.19
N ARG B 135 -8.32 11.85 10.12
CA ARG B 135 -7.63 11.20 11.23
C ARG B 135 -7.67 12.11 12.47
N ARG B 136 -7.45 13.40 12.27
CA ARG B 136 -7.57 14.36 13.35
C ARG B 136 -8.97 14.32 13.98
N GLU B 137 -9.99 14.18 13.14
CA GLU B 137 -11.35 14.12 13.64
C GLU B 137 -11.63 12.82 14.42
N VAL B 138 -11.11 11.71 13.93
CA VAL B 138 -11.18 10.45 14.66
C VAL B 138 -10.62 10.62 16.09
N ASP B 139 -9.46 11.24 16.20
CA ASP B 139 -8.84 11.44 17.51
C ASP B 139 -9.63 12.43 18.37
N SER B 140 -10.11 13.51 17.77
CA SER B 140 -10.88 14.51 18.49
C SER B 140 -12.23 13.96 18.98
N ILE B 141 -12.94 13.25 18.12
CA ILE B 141 -14.26 12.71 18.47
C ILE B 141 -14.13 11.48 19.41
N GLY B 142 -12.99 10.81 19.38
CA GLY B 142 -12.74 9.64 20.21
C GLY B 142 -13.28 8.33 19.64
N LEU B 143 -13.12 8.17 18.32
CA LEU B 143 -13.75 7.07 17.62
C LEU B 143 -12.97 5.77 17.72
N GLU B 144 -11.71 5.84 18.13
CA GLU B 144 -10.93 4.62 18.35
C GLU B 144 -10.53 4.43 19.81
N1 8RP C . 13.56 2.16 -11.88
C4 8RP C . 14.45 4.20 -12.82
C5 8RP C . 15.81 3.55 -12.79
C6 8RP C . 16.93 4.25 -13.24
C7 8RP C . 18.18 3.67 -13.24
C8 8RP C . 18.34 2.36 -12.77
C10 8RP C . 15.97 2.24 -12.33
C13 8RP C . 19.18 5.71 -14.05
C1 8RP C . 12.88 0.81 -9.93
C2 8RP C . 12.60 1.86 -10.97
C3 8RP C . 13.35 3.17 -12.90
C9 8RP C . 17.24 1.67 -12.31
C11 8RP C . 14.82 1.42 -11.82
O1 8RP C . 19.59 1.78 -12.74
C12 8RP C . 19.78 0.50 -12.16
O2 8RP C . 19.29 4.34 -13.67
O3 8RP C . 11.52 2.43 -11.01
NA NA D . 1.87 3.67 -14.44
C1 EDO E . -8.25 3.83 -14.87
O1 EDO E . -8.11 3.57 -16.27
C2 EDO E . -9.51 4.62 -14.58
O2 EDO E . -9.76 4.59 -13.16
C1 EDO F . -6.23 8.11 7.63
O1 EDO F . -6.24 6.71 7.93
C2 EDO F . -4.85 8.70 7.87
O2 EDO F . -4.40 8.38 9.19
N1 8RP G . -9.63 3.56 -16.18
N1 8RP G . -9.44 3.10 -16.49
C4 8RP G . -11.45 3.16 -17.81
C4 8RP G . -8.44 3.11 -18.66
C5 8RP G . -10.38 3.08 -18.88
C5 8RP G . -9.81 3.31 -19.24
C6 8RP G . -10.73 3.10 -20.24
C6 8RP G . -9.97 3.35 -20.62
C7 8RP G . -9.76 3.00 -21.20
C7 8RP G . -11.22 3.53 -21.18
C8 8RP G . -8.41 2.89 -20.83
C8 8RP G . -12.35 3.67 -20.34
C10 8RP G . -9.05 2.97 -18.51
C10 8RP G . -10.92 3.45 -18.41
C13 8RP G . -11.45 3.14 -22.93
C13 8RP G . -10.25 3.43 -23.39
C1 8RP G . -10.23 4.39 -13.92
C1 8RP G . -9.85 4.28 -14.35
C2 8RP G . -9.26 3.81 -14.90
C2 8RP G . -8.97 3.51 -15.28
C3 8RP G . -10.98 3.94 -16.61
C3 8RP G . -8.55 2.34 -17.38
C9 8RP G . -8.06 2.87 -19.49
C9 8RP G . -12.19 3.63 -18.97
C11 8RP G . -8.65 2.95 -17.06
C11 8RP G . -10.80 3.40 -16.91
O1 8RP G . -7.44 2.80 -21.80
O1 8RP G . -13.59 3.85 -20.89
C12 8RP G . -6.07 2.66 -21.46
C12 8RP G . -14.73 3.99 -20.05
O2 8RP G . -10.09 3.02 -22.53
O2 8RP G . -11.37 3.56 -22.54
O3 8RP G . -8.12 3.56 -14.56
O3 8RP G . -7.82 3.24 -14.96
#